data_4UYP
#
_entry.id   4UYP
#
_cell.length_a   107.750
_cell.length_b   107.750
_cell.length_c   100.810
_cell.angle_alpha   90.00
_cell.angle_beta   90.00
_cell.angle_gamma   90.00
#
_symmetry.space_group_name_H-M   'P 41 21 2'
#
loop_
_entity.id
_entity.type
_entity.pdbx_description
1 polymer 'Cellulosomal scaffoldin anchoring protein C'
2 polymer 'Cellulosomal scaffoldin adaptor protein B'
3 non-polymer 'SULFATE ION'
4 non-polymer '4-(2-HYDROXYETHYL)-1-PIPERAZINE ETHANESULFONIC ACID'
5 non-polymer (4S)-2-METHYL-2,4-PENTANEDIOL
6 non-polymer 'CALCIUM ION'
7 water water
#
loop_
_entity_poly.entity_id
_entity_poly.type
_entity_poly.pdbx_seq_one_letter_code
_entity_poly.pdbx_strand_id
1 'polypeptide(L)'
;MLQVDIGSTSGKAGSVVSVPITFTNVPKSGIYALSFRTNFDPQKVTVASIDAGSLIENASDFTTYYNNENGFASMTFEAP
VDRARIIDSDGVFATINFKVSDSAKVGELYNITTNSAYTSFYYSGTDEIKNVVYNDGKIEVIALEHHHHHH
;
A,C
2 'polypeptide(L)' KFIYGDVDGNGSVRSIDAVLIRDYVLGKINEFPYEYGMLAADVDGNGSIKINDAVLVRDYVLGKIFLFPVEEKEE B,D
#
loop_
_chem_comp.id
_chem_comp.type
_chem_comp.name
_chem_comp.formula
CA non-polymer 'CALCIUM ION' 'Ca 2'
EPE non-polymer '4-(2-HYDROXYETHYL)-1-PIPERAZINE ETHANESULFONIC ACID' 'C8 H18 N2 O4 S'
MPD non-polymer (4S)-2-METHYL-2,4-PENTANEDIOL 'C6 H14 O2'
SO4 non-polymer 'SULFATE ION' 'O4 S -2'
#
# COMPACT_ATOMS: atom_id res chain seq x y z
N MET A 1 8.62 22.01 1.71
CA MET A 1 8.45 20.95 0.64
CA MET A 1 8.39 20.79 0.91
C MET A 1 6.93 20.87 0.41
N LEU A 2 6.62 20.34 -0.80
CA LEU A 2 5.18 20.01 -0.99
C LEU A 2 4.74 18.98 0.06
N GLN A 3 3.57 19.27 0.59
CA GLN A 3 2.97 18.47 1.68
CA GLN A 3 2.98 18.44 1.64
C GLN A 3 1.59 17.99 1.17
N VAL A 4 1.38 16.69 1.16
CA VAL A 4 0.09 16.10 0.78
C VAL A 4 -0.57 15.61 2.05
N ASP A 5 -1.81 15.91 2.26
CA ASP A 5 -2.47 15.53 3.50
C ASP A 5 -3.72 14.77 3.12
N ILE A 6 -3.92 13.61 3.75
CA ILE A 6 -5.23 12.92 3.70
C ILE A 6 -5.96 13.38 4.95
N GLY A 7 -7.10 14.08 4.85
CA GLY A 7 -7.82 14.63 5.97
C GLY A 7 -8.43 13.62 6.85
N SER A 8 -8.48 13.88 8.13
CA SER A 8 -9.23 12.94 8.99
CA SER A 8 -9.18 13.01 9.05
C SER A 8 -10.63 13.45 9.23
N THR A 9 -11.49 12.53 9.60
CA THR A 9 -12.89 12.86 9.78
C THR A 9 -13.51 11.80 10.73
N SER A 10 -14.81 11.97 10.91
CA SER A 10 -15.61 11.02 11.72
C SER A 10 -16.99 10.89 11.20
N GLY A 11 -17.59 9.78 11.57
CA GLY A 11 -18.93 9.54 11.28
C GLY A 11 -19.52 8.31 11.97
N LYS A 12 -20.81 8.14 11.76
CA LYS A 12 -21.56 7.01 12.36
CA LYS A 12 -21.50 7.01 12.39
C LYS A 12 -21.38 5.75 11.58
N ALA A 13 -21.62 4.60 12.19
CA ALA A 13 -21.71 3.39 11.50
C ALA A 13 -22.76 3.48 10.39
N GLY A 14 -22.43 2.97 9.18
CA GLY A 14 -23.37 3.00 8.10
C GLY A 14 -23.35 4.32 7.30
N SER A 15 -22.58 5.35 7.69
CA SER A 15 -22.70 6.68 7.06
CA SER A 15 -22.70 6.68 7.06
C SER A 15 -21.70 6.80 5.90
N VAL A 16 -21.91 7.79 5.10
CA VAL A 16 -20.85 8.19 4.12
C VAL A 16 -20.11 9.39 4.72
N VAL A 17 -18.77 9.35 4.74
CA VAL A 17 -17.92 10.43 5.25
C VAL A 17 -17.05 10.90 4.09
N SER A 18 -16.47 12.04 4.21
N SER A 18 -16.59 12.12 4.17
CA SER A 18 -15.73 12.65 3.14
CA SER A 18 -15.72 12.77 3.19
C SER A 18 -14.33 13.02 3.58
C SER A 18 -14.27 12.82 3.71
N VAL A 19 -13.34 12.39 2.90
CA VAL A 19 -11.92 12.50 3.25
C VAL A 19 -11.20 13.36 2.19
N PRO A 20 -10.83 14.60 2.41
CA PRO A 20 -10.18 15.43 1.44
C PRO A 20 -8.69 15.19 1.32
N ILE A 21 -8.16 15.25 0.12
CA ILE A 21 -6.75 15.13 -0.13
C ILE A 21 -6.31 16.51 -0.54
N THR A 22 -5.43 17.09 0.31
N THR A 22 -5.45 17.14 0.28
CA THR A 22 -5.00 18.51 0.21
CA THR A 22 -5.06 18.52 0.03
C THR A 22 -3.50 18.57 -0.24
C THR A 22 -3.55 18.66 -0.15
N PHE A 23 -3.16 19.61 -1.01
CA PHE A 23 -1.78 19.88 -1.35
C PHE A 23 -1.44 21.27 -0.75
N THR A 24 -0.35 21.32 0.00
CA THR A 24 0.17 22.61 0.58
C THR A 24 1.59 22.75 0.13
N ASN A 25 1.99 24.01 -0.07
CA ASN A 25 3.32 24.32 -0.61
C ASN A 25 3.58 23.73 -1.98
N VAL A 26 2.52 23.88 -2.79
CA VAL A 26 2.63 23.51 -4.17
C VAL A 26 3.64 24.41 -4.94
N PRO A 27 4.56 23.81 -5.72
CA PRO A 27 5.58 24.66 -6.38
C PRO A 27 4.89 25.61 -7.31
N LYS A 28 5.29 26.94 -7.32
CA LYS A 28 4.63 27.82 -8.22
C LYS A 28 4.92 27.56 -9.70
N SER A 29 5.99 26.81 -9.98
CA SER A 29 6.27 26.40 -11.34
C SER A 29 5.31 25.31 -11.91
N GLY A 30 4.65 24.63 -10.96
CA GLY A 30 3.57 23.71 -11.34
C GLY A 30 3.93 22.25 -11.21
N ILE A 31 2.88 21.50 -10.82
CA ILE A 31 2.91 20.02 -10.92
C ILE A 31 2.35 19.63 -12.32
N TYR A 32 3.11 18.93 -13.12
CA TYR A 32 2.69 18.54 -14.47
C TYR A 32 1.95 17.20 -14.45
N ALA A 33 2.33 16.27 -13.54
CA ALA A 33 1.75 14.92 -13.55
C ALA A 33 1.91 14.33 -12.18
N LEU A 34 0.90 13.59 -11.70
CA LEU A 34 1.09 12.92 -10.41
C LEU A 34 0.20 11.72 -10.43
N SER A 35 0.53 10.77 -9.55
CA SER A 35 -0.42 9.74 -9.15
C SER A 35 -0.48 9.71 -7.65
N PHE A 36 -1.64 9.37 -7.09
CA PHE A 36 -1.80 9.30 -5.64
C PHE A 36 -2.65 8.08 -5.35
N ARG A 37 -2.20 7.19 -4.47
CA ARG A 37 -2.94 5.95 -4.07
C ARG A 37 -3.07 5.92 -2.59
N THR A 38 -4.32 5.69 -2.10
CA THR A 38 -4.63 5.49 -0.68
CA THR A 38 -4.53 5.49 -0.70
C THR A 38 -5.07 4.08 -0.50
N ASN A 39 -4.63 3.47 0.58
CA ASN A 39 -5.18 2.14 1.03
C ASN A 39 -6.04 2.29 2.24
N PHE A 40 -6.89 1.24 2.43
CA PHE A 40 -7.81 1.20 3.58
C PHE A 40 -8.23 -0.29 3.67
N ASP A 41 -8.74 -0.59 4.89
CA ASP A 41 -9.25 -1.97 5.16
C ASP A 41 -10.72 -2.00 4.71
N PRO A 42 -10.98 -2.80 3.64
CA PRO A 42 -12.40 -2.75 3.12
C PRO A 42 -13.40 -3.40 4.03
N GLN A 43 -12.99 -3.99 5.14
CA GLN A 43 -13.99 -4.39 6.21
C GLN A 43 -14.41 -3.28 7.08
N LYS A 44 -13.73 -2.15 6.97
CA LYS A 44 -13.96 -0.99 7.82
CA LYS A 44 -14.05 -1.02 7.80
C LYS A 44 -14.67 0.12 7.00
N VAL A 45 -14.11 0.44 5.84
CA VAL A 45 -14.74 1.45 4.98
C VAL A 45 -14.59 0.95 3.55
N THR A 46 -15.48 1.44 2.65
CA THR A 46 -15.35 1.22 1.22
C THR A 46 -15.58 2.55 0.48
N VAL A 47 -15.04 2.67 -0.71
CA VAL A 47 -15.23 3.87 -1.50
C VAL A 47 -16.60 3.83 -2.15
N ALA A 48 -17.37 4.90 -1.91
CA ALA A 48 -18.62 5.18 -2.60
C ALA A 48 -18.40 5.94 -3.88
N SER A 49 -17.51 6.94 -3.87
CA SER A 49 -17.16 7.74 -5.05
C SER A 49 -15.96 8.56 -4.73
N ILE A 50 -15.30 9.10 -5.74
CA ILE A 50 -14.18 10.00 -5.63
C ILE A 50 -14.52 11.21 -6.42
N ASP A 51 -14.33 12.40 -5.80
CA ASP A 51 -14.70 13.69 -6.51
C ASP A 51 -13.47 14.56 -6.66
N ALA A 52 -13.21 14.99 -7.88
CA ALA A 52 -12.17 15.99 -8.11
C ALA A 52 -12.45 17.24 -7.31
N GLY A 53 -11.34 17.75 -6.77
CA GLY A 53 -11.38 19.01 -6.02
C GLY A 53 -11.14 20.25 -6.88
N SER A 54 -11.18 21.42 -6.22
CA SER A 54 -11.10 22.68 -7.01
C SER A 54 -9.74 22.89 -7.66
N LEU A 55 -8.68 22.12 -7.30
CA LEU A 55 -7.46 22.20 -8.06
C LEU A 55 -7.54 21.62 -9.45
N ILE A 56 -8.59 20.81 -9.75
CA ILE A 56 -8.76 20.31 -11.08
C ILE A 56 -9.64 21.32 -11.90
N GLU A 57 -9.04 21.87 -12.93
CA GLU A 57 -9.70 22.84 -13.78
C GLU A 57 -10.40 22.17 -14.91
N ASN A 58 -10.01 21.00 -15.38
CA ASN A 58 -10.63 20.35 -16.49
C ASN A 58 -10.60 18.86 -16.21
N ALA A 59 -11.79 18.21 -16.26
CA ALA A 59 -11.87 16.80 -16.05
C ALA A 59 -11.03 15.93 -16.93
N SER A 60 -10.67 16.35 -18.14
N SER A 60 -10.67 16.40 -18.10
CA SER A 60 -9.84 15.52 -19.02
CA SER A 60 -9.87 15.64 -19.00
C SER A 60 -8.48 15.33 -18.40
C SER A 60 -8.54 15.30 -18.34
N ASP A 61 -8.11 16.14 -17.41
CA ASP A 61 -6.76 15.96 -16.83
C ASP A 61 -6.71 14.95 -15.69
N PHE A 62 -7.87 14.52 -15.21
CA PHE A 62 -7.96 13.82 -13.87
C PHE A 62 -8.63 12.48 -14.13
N THR A 63 -8.08 11.43 -13.58
CA THR A 63 -8.61 10.06 -13.74
C THR A 63 -8.54 9.34 -12.41
N THR A 64 -9.60 8.58 -12.11
CA THR A 64 -9.68 7.84 -10.83
C THR A 64 -10.05 6.39 -11.05
N TYR A 65 -9.74 5.61 -10.02
CA TYR A 65 -10.09 4.20 -10.02
C TYR A 65 -10.11 3.73 -8.62
N TYR A 66 -11.00 2.86 -8.23
CA TYR A 66 -10.84 2.28 -6.88
C TYR A 66 -11.26 0.77 -7.00
N ASN A 67 -10.70 0.01 -6.07
CA ASN A 67 -11.01 -1.43 -5.98
C ASN A 67 -11.26 -1.73 -4.53
N ASN A 68 -12.54 -1.88 -4.20
CA ASN A 68 -12.83 -2.09 -2.78
C ASN A 68 -12.33 -3.45 -2.22
N GLU A 69 -12.39 -4.49 -3.08
CA GLU A 69 -11.91 -5.81 -2.56
CA GLU A 69 -11.91 -5.77 -2.48
C GLU A 69 -10.45 -5.76 -2.15
N ASN A 70 -9.68 -5.00 -2.93
CA ASN A 70 -8.21 -4.95 -2.69
C ASN A 70 -7.85 -3.73 -1.90
N GLY A 71 -8.80 -2.99 -1.36
CA GLY A 71 -8.53 -1.85 -0.45
C GLY A 71 -7.65 -0.71 -0.96
N PHE A 72 -7.95 -0.25 -2.18
CA PHE A 72 -7.27 0.95 -2.60
C PHE A 72 -8.08 1.86 -3.53
N ALA A 73 -7.68 3.12 -3.57
CA ALA A 73 -8.23 4.13 -4.49
C ALA A 73 -7.03 4.83 -5.04
N SER A 74 -7.08 5.07 -6.37
CA SER A 74 -6.00 5.76 -7.06
CA SER A 74 -6.00 5.79 -7.01
C SER A 74 -6.52 6.93 -7.83
N MET A 75 -5.70 7.98 -7.99
CA MET A 75 -6.06 9.15 -8.79
C MET A 75 -4.84 9.57 -9.57
N THR A 76 -5.01 10.03 -10.77
CA THR A 76 -3.91 10.64 -11.55
C THR A 76 -4.29 12.04 -12.02
N PHE A 77 -3.24 12.85 -12.20
CA PHE A 77 -3.35 14.17 -12.84
C PHE A 77 -2.33 14.23 -13.93
N GLU A 78 -2.73 14.68 -15.15
CA GLU A 78 -1.84 14.89 -16.26
C GLU A 78 -2.23 16.25 -16.84
N ALA A 79 -1.38 17.23 -16.67
CA ALA A 79 -1.67 18.59 -17.27
C ALA A 79 -1.54 18.45 -18.76
N PRO A 80 -2.26 19.32 -19.52
CA PRO A 80 -2.13 19.30 -20.93
C PRO A 80 -0.72 19.69 -21.31
N VAL A 81 -0.38 19.32 -22.52
CA VAL A 81 1.02 19.48 -22.99
C VAL A 81 1.47 20.92 -23.06
N ASP A 82 0.54 21.89 -23.22
CA ASP A 82 0.94 23.28 -23.14
C ASP A 82 0.95 23.92 -21.78
N ARG A 83 0.71 23.08 -20.74
CA ARG A 83 0.65 23.61 -19.38
C ARG A 83 -0.39 24.71 -19.19
N ALA A 84 -1.39 24.73 -20.09
CA ALA A 84 -2.49 25.74 -19.98
C ALA A 84 -3.30 25.51 -18.74
N ARG A 85 -3.35 24.25 -18.27
CA ARG A 85 -3.81 24.01 -16.89
C ARG A 85 -2.66 23.30 -16.23
N ILE A 86 -2.49 23.60 -14.95
CA ILE A 86 -1.30 23.11 -14.18
C ILE A 86 -1.74 23.28 -12.76
N ILE A 87 -1.20 22.41 -11.87
CA ILE A 87 -1.49 22.64 -10.44
C ILE A 87 -0.33 23.41 -9.84
N ASP A 88 -0.58 24.69 -9.55
CA ASP A 88 0.52 25.56 -9.12
C ASP A 88 0.03 26.41 -7.97
N SER A 89 -0.94 25.98 -7.20
CA SER A 89 -1.43 26.67 -6.03
C SER A 89 -1.95 25.64 -5.06
N ASP A 90 -2.18 26.03 -3.81
CA ASP A 90 -2.58 25.08 -2.76
C ASP A 90 -4.09 24.89 -2.69
N GLY A 91 -4.50 23.69 -2.27
CA GLY A 91 -5.91 23.48 -2.11
C GLY A 91 -6.28 21.99 -2.17
N VAL A 92 -7.54 21.75 -2.44
CA VAL A 92 -8.09 20.39 -2.40
C VAL A 92 -7.92 19.74 -3.77
N PHE A 93 -7.18 18.64 -3.83
CA PHE A 93 -6.97 17.88 -5.08
C PHE A 93 -8.18 16.98 -5.34
N ALA A 94 -8.67 16.28 -4.34
CA ALA A 94 -9.81 15.34 -4.51
C ALA A 94 -10.37 15.01 -3.22
N THR A 95 -11.60 14.52 -3.19
CA THR A 95 -12.15 14.03 -1.95
CA THR A 95 -12.20 14.02 -1.92
C THR A 95 -12.68 12.60 -2.19
N ILE A 96 -12.44 11.70 -1.25
CA ILE A 96 -12.97 10.36 -1.32
C ILE A 96 -14.13 10.21 -0.39
N ASN A 97 -15.26 9.86 -0.94
CA ASN A 97 -16.46 9.58 -0.12
C ASN A 97 -16.46 8.11 0.31
N PHE A 98 -16.27 7.88 1.59
CA PHE A 98 -16.15 6.49 2.11
C PHE A 98 -17.47 6.10 2.84
N LYS A 99 -17.94 4.91 2.55
CA LYS A 99 -19.05 4.32 3.35
C LYS A 99 -18.40 3.64 4.57
N VAL A 100 -18.77 4.06 5.80
CA VAL A 100 -18.31 3.38 7.03
C VAL A 100 -19.18 2.11 7.18
N SER A 101 -18.53 0.99 7.41
CA SER A 101 -19.27 -0.26 7.70
CA SER A 101 -19.33 -0.25 7.59
C SER A 101 -20.46 -0.09 8.64
N ASP A 102 -21.56 -0.75 8.33
CA ASP A 102 -22.70 -0.84 9.27
C ASP A 102 -22.26 -1.48 10.58
N SER A 103 -21.21 -2.27 10.58
CA SER A 103 -20.76 -2.89 11.83
C SER A 103 -19.71 -2.15 12.64
N ALA A 104 -19.32 -0.94 12.24
CA ALA A 104 -18.40 -0.11 12.93
C ALA A 104 -18.90 0.10 14.39
N LYS A 105 -17.95 0.20 15.29
CA LYS A 105 -18.28 0.52 16.71
C LYS A 105 -17.61 1.80 17.09
N VAL A 106 -18.28 2.53 17.98
CA VAL A 106 -17.78 3.74 18.49
C VAL A 106 -16.35 3.57 19.07
N GLY A 107 -15.45 4.51 18.74
CA GLY A 107 -14.01 4.54 19.06
C GLY A 107 -13.02 3.81 18.18
N GLU A 108 -13.52 3.11 17.17
CA GLU A 108 -12.66 2.45 16.20
C GLU A 108 -12.03 3.52 15.36
N LEU A 109 -10.81 3.22 14.89
CA LEU A 109 -10.01 4.17 14.07
C LEU A 109 -9.59 3.45 12.83
N TYR A 110 -9.92 4.03 11.64
CA TYR A 110 -9.68 3.36 10.39
C TYR A 110 -8.66 4.23 9.66
N ASN A 111 -7.49 3.71 9.52
CA ASN A 111 -6.41 4.53 8.90
C ASN A 111 -6.53 4.48 7.37
N ILE A 112 -6.40 5.69 6.79
CA ILE A 112 -6.46 5.90 5.33
C ILE A 112 -5.04 6.32 4.98
N THR A 113 -4.35 5.47 4.26
CA THR A 113 -2.90 5.59 4.19
C THR A 113 -2.43 5.93 2.80
N THR A 114 -1.33 6.66 2.66
CA THR A 114 -0.72 6.92 1.40
C THR A 114 0.17 5.81 0.93
N ASN A 115 0.08 5.31 -0.26
CA ASN A 115 0.88 4.22 -0.71
C ASN A 115 2.05 4.82 -1.49
N SER A 116 3.26 4.77 -0.90
CA SER A 116 4.39 5.41 -1.56
C SER A 116 4.86 4.67 -2.79
N ALA A 117 4.53 3.40 -3.02
CA ALA A 117 4.93 2.69 -4.21
C ALA A 117 4.17 3.11 -5.45
N TYR A 118 2.98 3.70 -5.22
CA TYR A 118 2.10 4.05 -6.36
C TYR A 118 1.79 5.51 -6.36
N THR A 119 2.51 6.34 -5.63
CA THR A 119 2.31 7.75 -5.53
C THR A 119 3.58 8.44 -6.02
N SER A 120 3.48 9.42 -6.89
CA SER A 120 4.65 10.19 -7.34
C SER A 120 4.17 11.51 -7.89
N PHE A 121 5.04 12.48 -7.96
CA PHE A 121 4.71 13.90 -8.35
C PHE A 121 5.84 14.37 -9.27
N TYR A 122 5.46 15.07 -10.37
CA TYR A 122 6.46 15.53 -11.35
C TYR A 122 6.25 16.97 -11.72
N TYR A 123 7.40 17.65 -11.78
CA TYR A 123 7.40 19.01 -12.34
C TYR A 123 7.25 18.98 -13.83
N SER A 124 7.73 17.99 -14.53
CA SER A 124 7.70 17.89 -15.97
C SER A 124 7.77 16.43 -16.33
N GLY A 125 7.78 16.01 -17.60
CA GLY A 125 7.86 14.63 -17.93
C GLY A 125 9.08 13.91 -17.35
N THR A 126 10.20 14.61 -17.13
CA THR A 126 11.45 13.98 -16.67
C THR A 126 11.95 14.47 -15.33
N ASP A 127 11.28 15.38 -14.70
CA ASP A 127 11.81 16.01 -13.51
CA ASP A 127 11.81 16.01 -13.49
C ASP A 127 10.85 15.74 -12.34
N GLU A 128 11.23 14.77 -11.50
CA GLU A 128 10.36 14.36 -10.39
C GLU A 128 10.52 15.28 -9.18
N ILE A 129 9.43 15.51 -8.43
CA ILE A 129 9.43 16.18 -7.17
C ILE A 129 9.80 15.12 -6.16
N LYS A 130 11.05 15.19 -5.65
CA LYS A 130 11.65 14.05 -4.90
C LYS A 130 11.71 14.37 -3.39
N ASN A 131 11.11 15.44 -2.95
CA ASN A 131 11.04 15.77 -1.52
C ASN A 131 9.67 16.03 -1.04
N VAL A 132 8.67 15.39 -1.70
CA VAL A 132 7.30 15.53 -1.19
CA VAL A 132 7.32 15.50 -1.27
C VAL A 132 7.10 14.68 0.04
N VAL A 133 6.36 15.26 0.97
CA VAL A 133 6.04 14.61 2.27
CA VAL A 133 6.01 14.56 2.24
C VAL A 133 4.56 14.22 2.26
N TYR A 134 4.31 12.94 2.58
CA TYR A 134 2.93 12.41 2.67
C TYR A 134 2.48 12.46 4.15
N ASN A 135 1.27 12.89 4.50
CA ASN A 135 0.65 12.85 5.82
C ASN A 135 -0.70 12.08 5.71
N ASP A 136 -0.90 11.07 6.52
CA ASP A 136 -2.13 10.21 6.40
C ASP A 136 -3.23 10.64 7.26
N GLY A 137 -4.39 9.98 7.13
CA GLY A 137 -5.56 10.41 7.86
C GLY A 137 -6.29 9.22 8.44
N LYS A 138 -7.29 9.54 9.24
CA LYS A 138 -7.99 8.60 10.12
CA LYS A 138 -8.06 8.42 9.80
C LYS A 138 -9.51 8.88 9.99
N ILE A 139 -10.38 7.85 9.96
CA ILE A 139 -11.81 8.03 10.17
C ILE A 139 -12.14 7.42 11.56
N GLU A 140 -12.67 8.26 12.38
CA GLU A 140 -13.11 7.83 13.74
C GLU A 140 -14.58 7.57 13.76
N VAL A 141 -14.95 6.45 14.39
CA VAL A 141 -16.37 6.17 14.51
C VAL A 141 -16.96 6.80 15.75
N ILE A 142 -18.04 7.52 15.54
CA ILE A 142 -18.75 8.20 16.59
C ILE A 142 -20.16 7.69 16.74
N ALA A 143 -20.73 8.01 17.88
CA ALA A 143 -22.01 7.48 18.24
C ALA A 143 -23.11 8.30 17.67
N LEU A 144 -24.12 7.54 17.31
CA LEU A 144 -25.41 8.07 17.13
C LEU A 144 -26.01 8.23 18.52
N LYS B 1 -18.64 -26.43 -4.63
CA LYS B 1 -18.25 -27.32 -3.48
C LYS B 1 -16.77 -27.10 -3.08
N PHE B 2 -16.55 -26.84 -1.79
CA PHE B 2 -15.18 -26.76 -1.27
C PHE B 2 -15.26 -26.96 0.25
N ILE B 3 -14.13 -27.27 0.90
CA ILE B 3 -14.04 -27.36 2.38
C ILE B 3 -13.38 -26.12 2.93
N TYR B 4 -14.05 -25.47 3.87
CA TYR B 4 -13.47 -24.25 4.51
C TYR B 4 -12.07 -24.66 5.04
N GLY B 5 -11.12 -23.79 4.79
CA GLY B 5 -9.75 -24.11 5.33
C GLY B 5 -8.87 -24.77 4.30
N ASP B 6 -9.48 -25.36 3.25
CA ASP B 6 -8.70 -26.17 2.32
C ASP B 6 -8.25 -25.38 1.12
N VAL B 7 -7.26 -24.49 1.38
CA VAL B 7 -6.96 -23.42 0.42
CA VAL B 7 -6.93 -23.44 0.45
C VAL B 7 -6.19 -23.94 -0.82
N ASP B 8 -5.53 -25.09 -0.69
CA ASP B 8 -4.86 -25.76 -1.82
C ASP B 8 -5.76 -26.74 -2.54
N GLY B 9 -6.99 -26.92 -2.04
CA GLY B 9 -8.01 -27.76 -2.78
C GLY B 9 -7.67 -29.21 -2.75
N ASN B 10 -6.92 -29.74 -1.84
CA ASN B 10 -6.51 -31.12 -1.91
C ASN B 10 -7.51 -32.03 -1.13
N GLY B 11 -8.57 -31.45 -0.56
CA GLY B 11 -9.54 -32.29 0.14
C GLY B 11 -9.35 -32.41 1.65
N SER B 12 -8.30 -31.75 2.22
CA SER B 12 -7.98 -31.89 3.59
CA SER B 12 -8.14 -31.82 3.64
C SER B 12 -7.51 -30.54 4.13
N VAL B 13 -7.86 -30.18 5.37
CA VAL B 13 -7.31 -28.97 5.99
C VAL B 13 -6.08 -29.38 6.76
N ARG B 14 -4.93 -28.77 6.37
CA ARG B 14 -3.61 -29.21 6.82
C ARG B 14 -2.78 -28.00 7.15
N SER B 15 -1.66 -28.26 7.80
CA SER B 15 -0.75 -27.14 8.20
CA SER B 15 -0.88 -27.09 8.22
C SER B 15 -0.42 -26.22 7.05
N ILE B 16 -0.13 -26.85 5.89
CA ILE B 16 0.32 -26.05 4.74
C ILE B 16 -0.73 -25.05 4.28
N ASP B 17 -2.05 -25.41 4.45
CA ASP B 17 -3.10 -24.45 4.07
C ASP B 17 -2.92 -23.12 4.80
N ALA B 18 -2.54 -23.17 6.08
CA ALA B 18 -2.42 -21.90 6.82
C ALA B 18 -1.17 -21.17 6.31
N VAL B 19 -0.11 -21.92 5.95
CA VAL B 19 1.07 -21.28 5.34
C VAL B 19 0.71 -20.54 4.06
N LEU B 20 -0.15 -21.14 3.21
CA LEU B 20 -0.56 -20.50 1.99
C LEU B 20 -1.33 -19.24 2.23
N ILE B 21 -2.24 -19.21 3.25
CA ILE B 21 -2.93 -17.99 3.56
C ILE B 21 -1.91 -16.93 4.02
N ARG B 22 -0.95 -17.33 4.86
CA ARG B 22 0.11 -16.36 5.25
C ARG B 22 0.89 -15.83 3.97
N ASP B 23 1.13 -16.69 3.01
CA ASP B 23 1.85 -16.23 1.76
C ASP B 23 1.00 -15.19 1.12
N TYR B 24 -0.35 -15.34 1.07
CA TYR B 24 -1.18 -14.30 0.47
C TYR B 24 -1.14 -12.96 1.21
N VAL B 25 -1.24 -13.03 2.57
CA VAL B 25 -1.15 -11.84 3.36
C VAL B 25 0.20 -11.11 3.18
N LEU B 26 1.26 -11.90 3.11
CA LEU B 26 2.63 -11.36 2.89
C LEU B 26 2.80 -10.75 1.51
N GLY B 27 1.96 -11.14 0.58
CA GLY B 27 2.13 -10.64 -0.81
C GLY B 27 3.01 -11.54 -1.63
N LYS B 28 3.43 -12.72 -1.18
CA LYS B 28 4.21 -13.63 -1.99
CA LYS B 28 4.24 -13.67 -2.02
C LYS B 28 3.36 -14.23 -3.13
N ILE B 29 2.04 -14.31 -2.92
CA ILE B 29 1.11 -14.72 -3.93
C ILE B 29 0.03 -13.74 -4.01
N ASN B 30 -0.66 -13.68 -5.18
CA ASN B 30 -1.76 -12.77 -5.41
C ASN B 30 -3.10 -13.51 -5.67
N GLU B 31 -2.99 -14.81 -5.69
CA GLU B 31 -4.15 -15.64 -5.88
C GLU B 31 -3.83 -16.99 -5.41
N PHE B 32 -4.83 -17.82 -5.16
CA PHE B 32 -4.62 -19.18 -4.80
C PHE B 32 -4.78 -20.09 -6.10
N PRO B 33 -3.85 -21.04 -6.39
CA PRO B 33 -4.05 -22.19 -7.30
C PRO B 33 -4.96 -23.31 -6.63
N TYR B 34 -6.16 -22.87 -6.43
CA TYR B 34 -7.32 -23.74 -6.32
C TYR B 34 -8.40 -22.80 -6.66
N GLU B 35 -9.31 -23.31 -7.52
CA GLU B 35 -10.44 -22.53 -7.99
C GLU B 35 -11.29 -21.84 -6.89
N TYR B 36 -11.40 -22.53 -5.76
CA TYR B 36 -12.14 -22.04 -4.58
C TYR B 36 -11.23 -21.62 -3.40
N GLY B 37 -9.95 -21.34 -3.71
CA GLY B 37 -8.98 -21.05 -2.55
C GLY B 37 -9.40 -19.79 -1.87
N MET B 38 -9.83 -18.75 -2.57
CA MET B 38 -10.18 -17.53 -1.88
CA MET B 38 -10.24 -17.51 -1.86
C MET B 38 -11.34 -17.69 -0.89
N LEU B 39 -12.42 -18.38 -1.31
CA LEU B 39 -13.51 -18.59 -0.43
C LEU B 39 -13.09 -19.56 0.71
N ALA B 40 -12.25 -20.56 0.39
CA ALA B 40 -11.84 -21.52 1.42
C ALA B 40 -10.93 -20.82 2.47
N ALA B 41 -10.19 -19.85 2.02
CA ALA B 41 -9.25 -19.20 2.96
C ALA B 41 -9.97 -18.29 3.96
N ASP B 42 -11.15 -17.75 3.62
CA ASP B 42 -11.80 -16.77 4.42
C ASP B 42 -12.62 -17.49 5.54
N VAL B 43 -11.91 -18.06 6.49
CA VAL B 43 -12.57 -18.93 7.45
C VAL B 43 -13.30 -18.13 8.49
N ASP B 44 -13.06 -16.83 8.72
CA ASP B 44 -13.98 -16.06 9.57
C ASP B 44 -15.21 -15.47 8.81
N GLY B 45 -15.27 -15.66 7.55
CA GLY B 45 -16.39 -15.31 6.71
C GLY B 45 -16.61 -13.82 6.61
N ASN B 46 -15.56 -13.02 6.87
CA ASN B 46 -15.77 -11.55 6.83
C ASN B 46 -15.61 -10.93 5.50
N GLY B 47 -15.20 -11.68 4.47
CA GLY B 47 -15.08 -11.17 3.14
C GLY B 47 -13.71 -10.74 2.67
N SER B 48 -12.73 -10.81 3.61
CA SER B 48 -11.34 -10.45 3.30
C SER B 48 -10.45 -11.54 3.83
N ILE B 49 -9.32 -11.75 3.14
CA ILE B 49 -8.29 -12.65 3.64
CA ILE B 49 -8.28 -12.65 3.65
C ILE B 49 -7.30 -11.82 4.49
N LYS B 50 -7.16 -12.17 5.75
CA LYS B 50 -6.29 -11.44 6.69
C LYS B 50 -5.56 -12.41 7.50
N ILE B 51 -4.55 -11.90 8.28
CA ILE B 51 -3.71 -12.81 9.02
C ILE B 51 -4.50 -13.73 9.99
N ASN B 52 -5.61 -13.20 10.53
CA ASN B 52 -6.26 -14.11 11.48
C ASN B 52 -6.90 -15.29 10.78
N ASP B 53 -7.22 -15.22 9.50
CA ASP B 53 -7.69 -16.43 8.78
C ASP B 53 -6.63 -17.46 8.81
N ALA B 54 -5.31 -17.04 8.65
CA ALA B 54 -4.25 -18.04 8.62
C ALA B 54 -4.12 -18.70 10.02
N VAL B 55 -4.18 -17.91 11.08
CA VAL B 55 -4.00 -18.49 12.39
CA VAL B 55 -4.00 -18.49 12.40
C VAL B 55 -5.20 -19.34 12.78
N LEU B 56 -6.39 -18.97 12.28
CA LEU B 56 -7.56 -19.87 12.49
C LEU B 56 -7.37 -21.18 11.84
N VAL B 57 -6.95 -21.21 10.59
CA VAL B 57 -6.68 -22.51 9.99
C VAL B 57 -5.63 -23.30 10.76
N ARG B 58 -4.50 -22.67 11.14
CA ARG B 58 -3.51 -23.40 11.91
C ARG B 58 -4.11 -23.95 13.20
N ASP B 59 -4.90 -23.11 13.86
CA ASP B 59 -5.48 -23.54 15.18
C ASP B 59 -6.49 -24.63 14.95
N TYR B 60 -7.21 -24.67 13.87
CA TYR B 60 -8.08 -25.84 13.60
C TYR B 60 -7.21 -27.09 13.42
N VAL B 61 -6.16 -27.00 12.60
CA VAL B 61 -5.29 -28.15 12.36
C VAL B 61 -4.78 -28.70 13.69
N LEU B 62 -4.38 -27.79 14.59
CA LEU B 62 -3.76 -28.20 15.88
C LEU B 62 -4.81 -28.65 16.89
N GLY B 63 -6.06 -28.49 16.61
CA GLY B 63 -7.06 -29.02 17.50
C GLY B 63 -7.55 -28.05 18.54
N LYS B 64 -7.32 -26.75 18.39
CA LYS B 64 -7.85 -25.76 19.33
C LYS B 64 -9.30 -25.51 19.07
N ILE B 65 -9.71 -25.49 17.81
CA ILE B 65 -11.10 -25.26 17.45
C ILE B 65 -11.51 -26.39 16.52
N PHE B 66 -12.82 -26.65 16.47
CA PHE B 66 -13.35 -27.79 15.72
C PHE B 66 -14.23 -27.43 14.56
N LEU B 67 -14.42 -26.13 14.40
CA LEU B 67 -15.13 -25.56 13.27
CA LEU B 67 -15.10 -25.59 13.24
C LEU B 67 -14.63 -24.15 13.11
N PHE B 68 -14.86 -23.60 11.93
CA PHE B 68 -14.49 -22.19 11.67
C PHE B 68 -15.64 -21.25 11.97
N PRO B 69 -15.39 -20.00 12.29
CA PRO B 69 -16.49 -19.05 12.53
C PRO B 69 -17.45 -18.94 11.38
N VAL B 70 -17.01 -19.04 10.09
CA VAL B 70 -17.92 -19.02 8.97
C VAL B 70 -18.96 -20.17 9.00
N GLU B 71 -18.61 -21.26 9.66
CA GLU B 71 -19.52 -22.46 9.75
C GLU B 71 -20.48 -22.36 10.96
N GLU B 72 -20.26 -21.50 11.95
CA GLU B 72 -21.12 -21.48 13.13
C GLU B 72 -22.46 -20.89 12.65
N LYS B 73 -23.56 -21.64 12.89
CA LYS B 73 -24.90 -21.39 12.27
C LYS B 73 -25.80 -20.38 13.01
N MET C 1 -4.01 3.99 22.89
CA MET C 1 -4.18 2.78 22.03
CA MET C 1 -4.21 2.92 21.84
C MET C 1 -2.83 2.37 21.47
N LEU C 2 -2.79 1.16 20.92
CA LEU C 2 -1.53 0.67 20.32
C LEU C 2 -1.08 1.63 19.23
N GLN C 3 0.23 1.92 19.27
CA GLN C 3 0.82 2.86 18.26
C GLN C 3 1.99 2.13 17.64
N VAL C 4 1.92 2.16 16.32
CA VAL C 4 3.06 1.57 15.49
C VAL C 4 3.83 2.78 14.89
N ASP C 5 5.12 2.74 15.07
CA ASP C 5 5.98 3.88 14.57
C ASP C 5 6.97 3.28 13.58
N ILE C 6 7.03 3.84 12.37
CA ILE C 6 8.14 3.56 11.40
C ILE C 6 9.16 4.65 11.63
N GLY C 7 10.36 4.36 12.08
CA GLY C 7 11.36 5.38 12.41
C GLY C 7 11.89 6.06 11.13
N SER C 8 12.29 7.27 11.29
CA SER C 8 12.95 7.99 10.23
C SER C 8 14.47 7.92 10.42
N THR C 9 15.18 8.07 9.28
CA THR C 9 16.61 8.06 9.29
C THR C 9 17.17 8.79 8.11
N SER C 10 18.48 8.73 7.94
CA SER C 10 19.15 9.43 6.86
C SER C 10 20.40 8.67 6.48
N GLY C 11 20.82 8.87 5.23
CA GLY C 11 22.11 8.25 4.77
C GLY C 11 22.45 8.79 3.42
N LYS C 12 23.66 8.37 3.00
CA LYS C 12 24.22 8.78 1.73
CA LYS C 12 24.12 8.84 1.67
C LYS C 12 23.65 7.96 0.56
N ALA C 13 23.68 8.48 -0.63
CA ALA C 13 23.45 7.63 -1.80
C ALA C 13 24.35 6.43 -1.75
N GLY C 14 23.76 5.28 -2.07
CA GLY C 14 24.59 4.05 -2.05
C GLY C 14 24.69 3.33 -0.75
N SER C 15 24.20 3.93 0.38
CA SER C 15 24.36 3.37 1.69
C SER C 15 23.21 2.40 2.04
N VAL C 16 23.42 1.69 3.12
CA VAL C 16 22.33 0.92 3.77
C VAL C 16 21.94 1.67 5.06
N VAL C 17 20.66 2.02 5.16
CA VAL C 17 20.09 2.70 6.35
C VAL C 17 19.13 1.73 7.05
N SER C 18 18.83 1.97 8.33
CA SER C 18 17.95 1.08 8.99
CA SER C 18 18.03 1.12 9.15
C SER C 18 16.73 1.86 9.55
N VAL C 19 15.58 1.23 9.32
CA VAL C 19 14.30 1.81 9.70
C VAL C 19 13.68 0.84 10.74
N PRO C 20 13.62 1.26 12.01
CA PRO C 20 12.98 0.42 13.07
C PRO C 20 11.47 0.60 13.06
N ILE C 21 10.79 -0.52 13.32
CA ILE C 21 9.35 -0.52 13.48
CA ILE C 21 9.34 -0.58 13.47
C ILE C 21 9.11 -0.82 14.98
N THR C 22 8.52 0.16 15.67
CA THR C 22 8.37 0.15 17.14
CA THR C 22 8.36 -0.02 17.10
C THR C 22 6.89 0.04 17.47
N PHE C 23 6.56 -0.76 18.48
CA PHE C 23 5.19 -0.77 18.99
C PHE C 23 5.18 -0.19 20.45
N THR C 24 4.23 0.73 20.62
CA THR C 24 4.04 1.44 21.91
CA THR C 24 4.08 1.34 21.95
C THR C 24 2.61 1.18 22.37
N ASN C 25 2.45 1.15 23.71
CA ASN C 25 1.10 0.89 24.32
C ASN C 25 0.53 -0.47 23.87
N VAL C 26 1.45 -1.47 23.82
CA VAL C 26 0.99 -2.81 23.45
C VAL C 26 0.00 -3.33 24.57
N PRO C 27 -1.06 -3.96 24.19
CA PRO C 27 -2.02 -4.44 25.21
C PRO C 27 -1.34 -5.51 26.03
N LYS C 28 -1.53 -5.41 27.40
CA LYS C 28 -0.92 -6.43 28.22
C LYS C 28 -1.54 -7.83 28.08
N SER C 29 -2.75 -7.86 27.54
CA SER C 29 -3.34 -9.18 27.27
C SER C 29 -2.73 -9.88 26.09
N GLY C 30 -2.04 -9.09 25.25
CA GLY C 30 -1.22 -9.74 24.22
C GLY C 30 -1.78 -9.60 22.80
N ILE C 31 -0.83 -9.43 21.85
CA ILE C 31 -1.15 -9.50 20.44
C ILE C 31 -0.86 -10.93 19.99
N TYR C 32 -1.90 -11.63 19.55
CA TYR C 32 -1.74 -13.02 19.11
C TYR C 32 -1.27 -13.15 17.65
N ALA C 33 -1.73 -12.21 16.79
CA ALA C 33 -1.37 -12.35 15.36
C ALA C 33 -1.41 -10.93 14.79
N LEU C 34 -0.55 -10.67 13.81
CA LEU C 34 -0.55 -9.35 13.13
C LEU C 34 0.14 -9.54 11.81
N SER C 35 -0.27 -8.68 10.88
CA SER C 35 0.57 -8.43 9.66
C SER C 35 0.86 -6.93 9.59
N PHE C 36 2.03 -6.65 9.05
CA PHE C 36 2.44 -5.26 8.95
C PHE C 36 3.10 -5.09 7.61
N ARG C 37 2.61 -4.20 6.73
CA ARG C 37 3.25 -3.99 5.41
C ARG C 37 3.60 -2.56 5.23
N THR C 38 4.82 -2.33 4.75
CA THR C 38 5.33 -0.96 4.40
CA THR C 38 5.16 -0.94 4.42
C THR C 38 5.49 -0.90 2.92
N ASN C 39 5.11 0.24 2.30
CA ASN C 39 5.54 0.52 0.92
C ASN C 39 6.66 1.58 0.86
N PHE C 40 7.24 1.51 -0.30
CA PHE C 40 8.35 2.44 -0.62
C PHE C 40 8.48 2.50 -2.14
N ASP C 41 9.07 3.62 -2.62
CA ASP C 41 9.40 3.73 -4.01
C ASP C 41 10.56 2.95 -4.46
N PRO C 42 10.44 1.81 -5.21
CA PRO C 42 11.50 0.90 -5.40
C PRO C 42 12.67 1.35 -6.27
N GLN C 43 12.47 2.53 -6.88
CA GLN C 43 13.68 3.10 -7.59
C GLN C 43 14.41 4.07 -6.77
N LYS C 44 13.93 4.24 -5.50
CA LYS C 44 14.68 5.07 -4.54
C LYS C 44 15.41 4.23 -3.52
N VAL C 45 14.71 3.26 -2.95
CA VAL C 45 15.30 2.35 -1.97
C VAL C 45 14.83 0.95 -2.33
N THR C 46 15.59 -0.01 -1.84
CA THR C 46 15.22 -1.42 -1.97
C THR C 46 15.57 -2.08 -0.61
N VAL C 47 14.91 -3.18 -0.29
CA VAL C 47 15.19 -3.87 0.98
C VAL C 47 16.42 -4.79 0.85
N ALA C 48 17.42 -4.56 1.67
CA ALA C 48 18.59 -5.44 1.75
C ALA C 48 18.30 -6.62 2.67
N SER C 49 17.59 -6.37 3.79
CA SER C 49 17.27 -7.45 4.74
C SER C 49 16.28 -6.90 5.74
N ILE C 50 15.53 -7.78 6.44
CA ILE C 50 14.64 -7.39 7.54
C ILE C 50 15.09 -8.15 8.76
N ASP C 51 15.28 -7.52 9.91
CA ASP C 51 15.73 -8.19 11.13
C ASP C 51 14.63 -8.11 12.17
N ALA C 52 14.25 -9.27 12.67
CA ALA C 52 13.32 -9.24 13.84
C ALA C 52 13.93 -8.52 15.01
N GLY C 53 13.05 -7.82 15.74
CA GLY C 53 13.50 -7.08 16.92
C GLY C 53 13.27 -7.89 18.18
N SER C 54 13.58 -7.18 19.29
CA SER C 54 13.54 -7.84 20.60
C SER C 54 12.13 -8.36 20.98
N LEU C 55 11.07 -7.86 20.38
CA LEU C 55 9.75 -8.37 20.64
C LEU C 55 9.53 -9.78 20.15
N ILE C 56 10.36 -10.28 19.20
CA ILE C 56 10.25 -11.64 18.73
C ILE C 56 11.16 -12.54 19.53
N GLU C 57 10.49 -13.39 20.28
CA GLU C 57 11.23 -14.30 21.18
CA GLU C 57 11.12 -14.35 21.19
C GLU C 57 11.59 -15.62 20.48
N ASN C 58 10.92 -16.03 19.39
CA ASN C 58 11.21 -17.26 18.72
C ASN C 58 10.92 -17.04 17.26
N ALA C 59 11.93 -17.31 16.43
CA ALA C 59 11.77 -17.10 14.99
C ALA C 59 10.64 -17.84 14.34
N SER C 60 10.20 -18.98 14.91
CA SER C 60 9.11 -19.71 14.34
CA SER C 60 9.11 -19.72 14.33
C SER C 60 7.87 -18.87 14.20
N ASP C 61 7.78 -17.83 15.01
CA ASP C 61 6.52 -17.06 15.06
C ASP C 61 6.53 -15.91 14.05
N PHE C 62 7.64 -15.62 13.41
CA PHE C 62 7.84 -14.39 12.61
C PHE C 62 8.28 -14.72 11.20
N THR C 63 7.55 -14.14 10.24
CA THR C 63 7.77 -14.41 8.82
C THR C 63 7.89 -13.10 8.09
N THR C 64 8.79 -12.99 7.10
CA THR C 64 8.92 -11.73 6.33
C THR C 64 9.01 -12.06 4.84
N TYR C 65 8.69 -11.02 4.08
CA TYR C 65 8.72 -11.14 2.63
C TYR C 65 8.89 -9.73 2.11
N TYR C 66 9.65 -9.55 1.03
CA TYR C 66 9.66 -8.25 0.41
C TYR C 66 9.75 -8.44 -1.11
N ASN C 67 9.25 -7.43 -1.79
CA ASN C 67 9.28 -7.46 -3.26
C ASN C 67 9.86 -6.09 -3.66
N ASN C 68 11.09 -6.14 -4.17
CA ASN C 68 11.85 -4.92 -4.50
C ASN C 68 11.51 -4.43 -5.92
N GLU C 69 10.71 -5.13 -6.66
CA GLU C 69 10.23 -4.57 -7.88
CA GLU C 69 10.22 -4.56 -7.89
C GLU C 69 8.96 -3.82 -7.69
N ASN C 70 8.10 -4.28 -6.77
CA ASN C 70 6.83 -3.67 -6.54
C ASN C 70 6.80 -2.70 -5.35
N GLY C 71 7.82 -2.69 -4.56
CA GLY C 71 7.86 -1.64 -3.50
C GLY C 71 7.08 -1.94 -2.21
N PHE C 72 7.22 -3.24 -1.75
CA PHE C 72 6.63 -3.43 -0.40
C PHE C 72 7.48 -4.48 0.36
N ALA C 73 7.30 -4.35 1.65
CA ALA C 73 7.86 -5.29 2.65
C ALA C 73 6.76 -5.64 3.61
N SER C 74 6.66 -6.94 3.92
CA SER C 74 5.57 -7.48 4.78
CA SER C 74 5.59 -7.40 4.82
C SER C 74 6.18 -8.33 5.86
N MET C 75 5.59 -8.22 7.02
CA MET C 75 6.03 -8.97 8.24
CA MET C 75 6.00 -9.12 8.13
C MET C 75 4.76 -9.59 8.86
N THR C 76 4.87 -10.83 9.33
CA THR C 76 3.76 -11.38 10.16
C THR C 76 4.30 -11.93 11.44
N PHE C 77 3.44 -11.84 12.47
CA PHE C 77 3.66 -12.53 13.76
C PHE C 77 2.46 -13.40 14.04
N GLU C 78 2.72 -14.67 14.39
CA GLU C 78 1.65 -15.60 14.80
C GLU C 78 2.14 -16.22 16.11
N ALA C 79 1.56 -15.86 17.24
CA ALA C 79 1.92 -16.55 18.47
C ALA C 79 1.59 -18.02 18.37
N PRO C 80 2.35 -18.82 19.09
CA PRO C 80 1.95 -20.25 19.13
C PRO C 80 0.58 -20.42 19.80
N VAL C 81 0.05 -21.62 19.59
CA VAL C 81 -1.37 -21.85 20.00
CA VAL C 81 -1.36 -21.90 19.94
C VAL C 81 -1.58 -21.81 21.48
N ASP C 82 -0.53 -22.06 22.27
CA ASP C 82 -0.55 -21.90 23.71
C ASP C 82 -0.20 -20.57 24.26
N ARG C 83 -0.03 -19.55 23.36
CA ARG C 83 0.44 -18.30 23.77
C ARG C 83 1.76 -18.37 24.60
N ALA C 84 2.62 -19.35 24.34
CA ALA C 84 3.94 -19.48 25.05
C ALA C 84 4.84 -18.28 24.71
N ARG C 85 4.57 -17.66 23.56
CA ARG C 85 5.26 -16.39 23.21
C ARG C 85 4.07 -15.54 22.84
N ILE C 86 4.15 -14.27 23.14
CA ILE C 86 3.01 -13.37 22.83
C ILE C 86 3.68 -12.01 22.79
N ILE C 87 3.14 -11.02 22.05
CA ILE C 87 3.72 -9.67 22.14
C ILE C 87 2.83 -8.89 23.12
N ASP C 88 3.39 -8.64 24.32
CA ASP C 88 2.59 -7.98 25.34
C ASP C 88 3.39 -6.92 26.05
N SER C 89 4.41 -6.32 25.43
CA SER C 89 5.19 -5.26 25.98
C SER C 89 5.73 -4.40 24.82
N ASP C 90 6.28 -3.24 25.13
CA ASP C 90 6.64 -2.27 24.07
C ASP C 90 8.06 -2.47 23.64
N GLY C 91 8.29 -2.17 22.32
CA GLY C 91 9.70 -2.28 21.88
C GLY C 91 9.75 -2.38 20.39
N VAL C 92 10.92 -2.79 19.92
CA VAL C 92 11.13 -2.93 18.46
C VAL C 92 10.62 -4.28 17.96
N PHE C 93 9.69 -4.21 17.01
CA PHE C 93 9.17 -5.39 16.39
C PHE C 93 10.13 -5.89 15.31
N ALA C 94 10.64 -4.98 14.45
CA ALA C 94 11.52 -5.40 13.33
C ALA C 94 12.22 -4.19 12.88
N THR C 95 13.31 -4.37 12.13
CA THR C 95 14.03 -3.27 11.50
CA THR C 95 14.02 -3.27 11.49
C THR C 95 14.24 -3.63 10.04
N ILE C 96 13.93 -2.68 9.17
CA ILE C 96 14.12 -2.92 7.72
C ILE C 96 15.44 -2.24 7.31
N ASN C 97 16.41 -2.97 6.77
CA ASN C 97 17.61 -2.34 6.23
C ASN C 97 17.45 -2.04 4.77
N PHE C 98 17.42 -0.77 4.45
CA PHE C 98 17.14 -0.33 3.06
C PHE C 98 18.42 0.15 2.36
N LYS C 99 18.66 -0.36 1.18
CA LYS C 99 19.71 0.22 0.30
C LYS C 99 19.17 1.45 -0.43
N VAL C 100 19.84 2.60 -0.17
CA VAL C 100 19.54 3.85 -0.87
C VAL C 100 20.20 3.76 -2.29
N SER C 101 19.36 4.07 -3.27
CA SER C 101 19.90 4.02 -4.66
C SER C 101 21.23 4.79 -4.81
N ASP C 102 22.11 4.26 -5.62
CA ASP C 102 23.36 4.98 -5.83
C ASP C 102 23.09 6.29 -6.59
N SER C 103 21.98 6.45 -7.29
CA SER C 103 21.69 7.69 -8.00
C SER C 103 20.90 8.73 -7.24
N ALA C 104 20.68 8.44 -5.95
CA ALA C 104 19.94 9.40 -5.08
C ALA C 104 20.67 10.74 -5.00
N LYS C 105 19.89 11.82 -4.98
CA LYS C 105 20.46 13.15 -4.83
C LYS C 105 20.19 13.61 -3.43
N VAL C 106 21.16 14.42 -2.93
CA VAL C 106 20.97 14.99 -1.57
C VAL C 106 19.71 15.85 -1.50
N GLY C 107 18.92 15.62 -0.43
CA GLY C 107 17.71 16.34 -0.24
C GLY C 107 16.43 15.57 -0.58
N GLU C 108 16.63 14.43 -1.26
CA GLU C 108 15.45 13.60 -1.54
C GLU C 108 14.92 13.02 -0.25
N LEU C 109 13.60 12.84 -0.19
CA LEU C 109 12.93 12.31 1.01
C LEU C 109 12.11 11.12 0.57
N TYR C 110 12.30 9.99 1.18
CA TYR C 110 11.56 8.76 0.77
C TYR C 110 10.63 8.44 1.85
N ASN C 111 9.30 8.42 1.53
CA ASN C 111 8.24 8.07 2.51
C ASN C 111 8.12 6.54 2.63
N ILE C 112 8.26 6.09 3.88
CA ILE C 112 8.13 4.60 4.13
C ILE C 112 6.82 4.53 4.94
N THR C 113 5.87 3.97 4.20
CA THR C 113 4.45 4.12 4.56
C THR C 113 3.76 2.85 5.05
N THR C 114 3.00 2.93 6.12
CA THR C 114 2.16 1.75 6.57
C THR C 114 0.99 1.53 5.62
N ASN C 115 0.77 0.34 5.16
CA ASN C 115 -0.31 0.00 4.20
C ASN C 115 -1.50 -0.54 5.04
N SER C 116 -2.59 0.24 5.17
CA SER C 116 -3.71 -0.18 6.05
C SER C 116 -4.47 -1.32 5.39
N ALA C 117 -4.38 -1.59 4.10
CA ALA C 117 -5.06 -2.71 3.51
C ALA C 117 -4.46 -4.07 3.85
N TYR C 118 -3.21 -4.05 4.30
CA TYR C 118 -2.43 -5.27 4.48
C TYR C 118 -1.87 -5.36 5.93
N THR C 119 -2.27 -4.45 6.77
CA THR C 119 -1.77 -4.36 8.16
C THR C 119 -2.96 -4.54 9.04
N SER C 120 -2.84 -5.49 9.99
CA SER C 120 -3.96 -5.71 10.96
CA SER C 120 -3.95 -5.70 10.95
C SER C 120 -3.35 -6.37 12.17
N PHE C 121 -4.02 -6.21 13.31
CA PHE C 121 -3.54 -6.68 14.63
C PHE C 121 -4.69 -7.37 15.37
N TYR C 122 -4.39 -8.50 15.96
CA TYR C 122 -5.47 -9.35 16.61
C TYR C 122 -5.07 -9.70 18.04
N TYR C 123 -6.02 -9.55 18.95
CA TYR C 123 -5.89 -10.09 20.33
C TYR C 123 -6.08 -11.62 20.36
N SER C 124 -6.79 -12.21 19.36
CA SER C 124 -7.02 -13.66 19.30
C SER C 124 -7.44 -13.95 17.89
N GLY C 125 -7.72 -15.19 17.58
CA GLY C 125 -8.05 -15.51 16.23
C GLY C 125 -9.29 -14.75 15.75
N THR C 126 -10.24 -14.33 16.62
CA THR C 126 -11.42 -13.67 16.14
C THR C 126 -11.60 -12.28 16.63
N ASP C 127 -10.75 -11.79 17.46
CA ASP C 127 -10.94 -10.47 18.03
CA ASP C 127 -10.93 -10.48 18.08
C ASP C 127 -9.82 -9.54 17.62
N GLU C 128 -10.18 -8.58 16.79
CA GLU C 128 -9.24 -7.66 16.13
C GLU C 128 -9.02 -6.45 17.05
N ILE C 129 -7.81 -5.91 17.04
CA ILE C 129 -7.51 -4.60 17.62
C ILE C 129 -7.89 -3.55 16.59
N LYS C 130 -8.97 -2.81 16.83
CA LYS C 130 -9.50 -1.96 15.76
C LYS C 130 -9.29 -0.47 16.02
N ASN C 131 -8.42 -0.11 16.99
CA ASN C 131 -8.00 1.25 17.11
C ASN C 131 -6.51 1.54 17.14
N VAL C 132 -5.80 0.92 16.28
CA VAL C 132 -4.34 1.11 16.23
C VAL C 132 -4.00 2.34 15.40
N VAL C 133 -3.05 3.07 15.86
CA VAL C 133 -2.50 4.30 15.22
CA VAL C 133 -2.59 4.15 15.00
C VAL C 133 -1.14 3.99 14.56
N TYR C 134 -0.85 4.71 13.50
CA TYR C 134 0.44 4.49 12.85
C TYR C 134 1.12 5.79 12.63
N ASN C 135 2.46 5.85 12.67
CA ASN C 135 3.17 7.06 12.44
CA ASN C 135 3.18 7.08 12.42
C ASN C 135 4.27 6.63 11.44
N ASP C 136 4.17 7.05 10.18
CA ASP C 136 5.10 6.63 9.11
C ASP C 136 6.48 7.36 9.30
N GLY C 137 7.44 6.84 8.50
CA GLY C 137 8.85 7.32 8.56
C GLY C 137 9.26 7.89 7.23
N LYS C 138 10.38 8.60 7.26
CA LYS C 138 10.98 9.11 6.03
C LYS C 138 12.50 8.79 6.09
N ILE C 139 13.07 8.54 4.93
CA ILE C 139 14.54 8.47 4.80
C ILE C 139 14.98 9.70 4.04
N GLU C 140 15.86 10.51 4.66
CA GLU C 140 16.43 11.67 3.98
C GLU C 140 17.82 11.38 3.43
N VAL C 141 18.03 11.70 2.14
CA VAL C 141 19.37 11.52 1.53
C VAL C 141 20.29 12.70 1.90
N ILE C 142 21.38 12.35 2.54
CA ILE C 142 22.32 13.40 2.99
C ILE C 142 23.65 13.26 2.29
N ALA C 143 24.47 14.33 2.44
CA ALA C 143 25.78 14.30 1.81
C ALA C 143 26.89 13.74 2.68
N LEU C 144 26.80 13.90 3.97
CA LEU C 144 27.93 13.60 4.87
C LEU C 144 27.64 12.36 5.69
N GLU C 145 28.71 11.72 6.15
CA GLU C 145 28.59 10.52 7.04
C GLU C 145 27.93 10.86 8.36
N HIS C 146 27.31 9.81 8.96
CA HIS C 146 26.38 9.81 10.14
C HIS C 146 24.96 10.37 9.82
N LYS D 1 12.63 -8.13 -29.23
CA LYS D 1 12.63 -6.73 -29.74
C LYS D 1 11.25 -6.09 -29.50
N PHE D 2 11.27 -4.80 -29.19
CA PHE D 2 10.07 -4.04 -28.94
C PHE D 2 10.35 -2.58 -29.31
N ILE D 3 9.29 -1.76 -29.57
CA ILE D 3 9.39 -0.32 -29.81
C ILE D 3 9.09 0.39 -28.44
N TYR D 4 9.98 1.25 -27.91
CA TYR D 4 9.70 1.98 -26.68
C TYR D 4 8.36 2.75 -26.84
N GLY D 5 7.50 2.62 -25.85
CA GLY D 5 6.21 3.37 -25.91
C GLY D 5 5.12 2.42 -26.37
N ASP D 6 5.41 1.32 -27.05
CA ASP D 6 4.42 0.47 -27.65
C ASP D 6 4.00 -0.61 -26.72
N VAL D 7 3.25 -0.20 -25.68
CA VAL D 7 2.97 -1.08 -24.56
C VAL D 7 1.99 -2.22 -24.84
N ASP D 8 1.11 -2.02 -25.87
CA ASP D 8 0.28 -3.13 -26.30
C ASP D 8 0.88 -3.97 -27.42
N GLY D 9 2.10 -3.64 -27.85
CA GLY D 9 2.81 -4.47 -28.83
C GLY D 9 2.19 -4.53 -30.20
N ASN D 10 1.47 -3.50 -30.61
CA ASN D 10 0.80 -3.61 -31.87
C ASN D 10 1.64 -2.96 -32.98
N GLY D 11 2.86 -2.53 -32.65
CA GLY D 11 3.69 -2.03 -33.74
C GLY D 11 3.67 -0.54 -33.91
N SER D 12 2.89 0.21 -33.09
CA SER D 12 2.82 1.65 -33.23
CA SER D 12 2.94 1.66 -33.19
C SER D 12 2.70 2.26 -31.82
N VAL D 13 3.19 3.44 -31.66
CA VAL D 13 3.09 4.21 -30.37
C VAL D 13 1.89 5.18 -30.62
N ARG D 14 0.83 4.97 -29.80
CA ARG D 14 -0.44 5.60 -30.05
C ARG D 14 -1.01 6.12 -28.77
N SER D 15 -2.04 6.96 -28.89
CA SER D 15 -2.57 7.52 -27.67
CA SER D 15 -2.76 7.48 -27.70
C SER D 15 -3.03 6.43 -26.69
N ILE D 16 -3.57 5.30 -27.13
CA ILE D 16 -4.05 4.27 -26.22
C ILE D 16 -2.84 3.71 -25.43
N ASP D 17 -1.61 3.73 -25.98
CA ASP D 17 -0.50 3.18 -25.16
C ASP D 17 -0.36 4.01 -23.92
N ALA D 18 -0.51 5.31 -23.98
CA ALA D 18 -0.40 6.14 -22.77
C ALA D 18 -1.53 5.90 -21.81
N VAL D 19 -2.74 5.64 -22.34
CA VAL D 19 -3.88 5.25 -21.52
C VAL D 19 -3.55 3.98 -20.77
N LEU D 20 -3.02 2.97 -21.44
CA LEU D 20 -2.73 1.71 -20.78
C LEU D 20 -1.70 1.90 -19.62
N ILE D 21 -0.65 2.71 -19.85
CA ILE D 21 0.32 2.98 -18.75
C ILE D 21 -0.42 3.61 -17.58
N ARG D 22 -1.33 4.60 -17.85
CA ARG D 22 -2.07 5.25 -16.75
C ARG D 22 -2.96 4.18 -16.07
N ASP D 23 -3.58 3.29 -16.81
CA ASP D 23 -4.39 2.19 -16.20
C ASP D 23 -3.54 1.33 -15.31
N TYR D 24 -2.27 1.06 -15.66
CA TYR D 24 -1.37 0.27 -14.81
C TYR D 24 -1.06 1.04 -13.51
N VAL D 25 -0.76 2.35 -13.64
CA VAL D 25 -0.48 3.15 -12.43
C VAL D 25 -1.70 3.22 -11.55
N LEU D 26 -2.89 3.37 -12.13
CA LEU D 26 -4.12 3.40 -11.36
C LEU D 26 -4.47 2.06 -10.71
N GLY D 27 -3.89 0.99 -11.20
CA GLY D 27 -4.30 -0.32 -10.62
C GLY D 27 -5.42 -1.02 -11.34
N LYS D 28 -5.88 -0.48 -12.47
CA LYS D 28 -6.95 -1.11 -13.23
CA LYS D 28 -6.94 -1.08 -13.23
C LYS D 28 -6.44 -2.39 -13.88
N ILE D 29 -5.16 -2.41 -14.25
CA ILE D 29 -4.53 -3.59 -14.81
C ILE D 29 -3.30 -3.85 -13.97
N ASN D 30 -2.90 -5.12 -13.94
CA ASN D 30 -1.66 -5.56 -13.25
C ASN D 30 -0.56 -5.94 -14.18
N GLU D 31 -0.81 -5.90 -15.47
CA GLU D 31 0.14 -6.33 -16.54
C GLU D 31 -0.25 -5.69 -17.82
N PHE D 32 0.68 -5.57 -18.75
CA PHE D 32 0.40 -5.13 -20.12
C PHE D 32 0.03 -6.27 -21.11
N PRO D 33 -0.78 -6.00 -22.17
CA PRO D 33 -1.24 -7.05 -23.09
C PRO D 33 -0.18 -7.34 -24.14
N TYR D 34 1.03 -7.52 -23.63
CA TYR D 34 2.19 -7.71 -24.53
C TYR D 34 3.35 -8.26 -23.74
N GLU D 35 3.99 -9.29 -24.30
CA GLU D 35 5.15 -9.87 -23.68
C GLU D 35 6.22 -8.87 -23.23
N TYR D 36 6.45 -7.80 -23.97
CA TYR D 36 7.44 -6.82 -23.64
C TYR D 36 6.84 -5.48 -23.22
N GLY D 37 5.61 -5.53 -22.70
CA GLY D 37 4.94 -4.23 -22.37
C GLY D 37 5.53 -3.48 -21.23
N MET D 38 5.98 -4.20 -20.20
CA MET D 38 6.61 -3.52 -19.06
CA MET D 38 6.59 -3.56 -19.09
C MET D 38 7.87 -2.85 -19.51
N LEU D 39 8.71 -3.52 -20.29
CA LEU D 39 9.84 -2.80 -20.82
C LEU D 39 9.59 -1.65 -21.76
N ALA D 40 8.58 -1.83 -22.62
CA ALA D 40 8.23 -0.77 -23.55
C ALA D 40 7.57 0.47 -22.84
N ALA D 41 6.97 0.20 -21.68
CA ALA D 41 6.34 1.27 -20.89
C ALA D 41 7.27 2.20 -20.20
N ASP D 42 8.54 1.67 -19.86
CA ASP D 42 9.46 2.47 -19.09
C ASP D 42 10.28 3.42 -19.95
N VAL D 43 9.61 4.42 -20.48
CA VAL D 43 10.26 5.24 -21.49
C VAL D 43 11.21 6.20 -20.92
N ASP D 44 11.22 6.51 -19.61
CA ASP D 44 12.33 7.36 -19.09
C ASP D 44 13.48 6.44 -18.68
N GLY D 45 13.39 5.14 -18.76
CA GLY D 45 14.52 4.23 -18.47
C GLY D 45 14.95 4.19 -17.02
N ASN D 46 14.08 4.66 -16.11
CA ASN D 46 14.45 4.69 -14.64
C ASN D 46 14.23 3.32 -13.97
N GLY D 47 13.74 2.30 -14.64
CA GLY D 47 13.53 1.02 -14.12
C GLY D 47 12.17 0.70 -13.54
N SER D 48 11.30 1.73 -13.49
CA SER D 48 9.98 1.52 -12.90
CA SER D 48 9.95 1.46 -12.97
C SER D 48 8.93 2.17 -13.79
N ILE D 49 7.72 1.68 -13.71
CA ILE D 49 6.63 2.35 -14.43
CA ILE D 49 6.55 2.29 -14.45
C ILE D 49 5.85 3.28 -13.52
N LYS D 50 5.86 4.58 -13.89
CA LYS D 50 5.30 5.63 -13.09
C LYS D 50 4.45 6.54 -13.98
N ILE D 51 3.75 7.46 -13.33
CA ILE D 51 2.84 8.30 -14.12
C ILE D 51 3.57 9.14 -15.18
N ASN D 52 4.85 9.49 -14.91
CA ASN D 52 5.53 10.29 -15.95
C ASN D 52 5.82 9.43 -17.16
N ASP D 53 5.95 8.10 -17.17
CA ASP D 53 6.10 7.31 -18.37
C ASP D 53 4.85 7.50 -19.18
N ALA D 54 3.64 7.52 -18.55
CA ALA D 54 2.41 7.75 -19.32
C ALA D 54 2.37 9.11 -20.00
N VAL D 55 2.76 10.16 -19.27
CA VAL D 55 2.71 11.50 -19.87
CA VAL D 55 2.69 11.48 -19.89
C VAL D 55 3.75 11.62 -20.99
N LEU D 56 4.89 10.99 -20.85
CA LEU D 56 5.91 10.98 -21.90
C LEU D 56 5.40 10.32 -23.16
N VAL D 57 4.74 9.19 -23.07
CA VAL D 57 4.16 8.53 -24.22
C VAL D 57 3.12 9.46 -24.77
N ARG D 58 2.24 10.08 -23.99
CA ARG D 58 1.24 11.01 -24.53
C ARG D 58 1.95 12.11 -25.29
N ASP D 59 2.95 12.74 -24.70
CA ASP D 59 3.64 13.91 -25.31
C ASP D 59 4.35 13.52 -26.59
N TYR D 60 4.81 12.29 -26.68
CA TYR D 60 5.44 11.83 -27.91
C TYR D 60 4.35 11.66 -28.98
N VAL D 61 3.21 11.07 -28.65
CA VAL D 61 2.13 10.89 -29.64
C VAL D 61 1.71 12.29 -30.14
N LEU D 62 1.66 13.28 -29.25
CA LEU D 62 1.21 14.67 -29.57
C LEU D 62 2.32 15.47 -30.32
N GLY D 63 3.53 14.91 -30.47
CA GLY D 63 4.64 15.63 -31.17
C GLY D 63 5.36 16.69 -30.36
N LYS D 64 5.29 16.66 -29.04
CA LYS D 64 6.06 17.59 -28.21
C LYS D 64 7.52 17.13 -28.08
N ILE D 65 7.72 15.81 -28.03
CA ILE D 65 9.04 15.19 -28.02
C ILE D 65 9.14 14.22 -29.17
N PHE D 66 10.37 13.97 -29.60
CA PHE D 66 10.61 13.10 -30.77
C PHE D 66 11.29 11.83 -30.50
N LEU D 67 11.73 11.67 -29.25
CA LEU D 67 12.26 10.39 -28.85
C LEU D 67 12.10 10.37 -27.32
N PHE D 68 12.28 9.17 -26.78
CA PHE D 68 12.10 8.97 -25.32
C PHE D 68 13.41 9.10 -24.58
N PRO D 69 13.40 9.52 -23.32
CA PRO D 69 14.73 9.62 -22.64
C PRO D 69 15.52 8.33 -22.67
N VAL D 70 14.92 7.14 -22.66
CA VAL D 70 15.64 5.88 -22.61
C VAL D 70 16.38 5.71 -23.97
N GLU D 71 15.93 6.42 -25.00
CA GLU D 71 16.55 6.33 -26.32
C GLU D 71 17.74 7.28 -26.42
N GLU D 72 18.17 7.81 -25.29
CA GLU D 72 19.34 8.70 -25.23
C GLU D 72 18.92 10.10 -25.66
N LYS D 73 17.82 10.58 -25.11
CA LYS D 73 17.30 11.91 -25.44
C LYS D 73 15.85 12.10 -24.96
S SO4 E . -25.65 9.08 6.13
O1 SO4 E . -25.52 10.56 6.18
O2 SO4 E . -26.96 8.72 5.66
O3 SO4 E . -25.46 8.40 7.44
O4 SO4 E . -24.60 8.59 5.21
S SO4 F . -14.65 -6.98 10.36
O1 SO4 F . -14.67 -7.17 11.86
O2 SO4 F . -13.89 -5.71 10.20
O3 SO4 F . -16.14 -6.75 10.03
O4 SO4 F . -14.12 -8.12 9.64
S SO4 G . -17.85 -1.37 -6.04
O1 SO4 G . -16.92 -0.95 -7.18
O2 SO4 G . -18.79 -0.19 -5.91
O3 SO4 G . -17.34 -1.87 -4.71
O4 SO4 G . -18.58 -2.56 -6.59
N1 EPE H . -21.29 -3.68 6.80
C2 EPE H . -21.15 -4.40 5.59
C3 EPE H . -20.52 -3.53 4.55
N4 EPE H . -21.27 -2.31 4.39
C5 EPE H . -21.40 -1.61 5.61
C6 EPE H . -22.03 -2.46 6.63
C7 EPE H . -20.67 -1.44 3.41
C8 EPE H . -21.45 -1.56 2.07
O8 EPE H . -21.49 -2.93 1.64
C9 EPE H . -21.81 -4.51 7.89
C10 EPE H . -23.22 -4.94 7.52
S EPE H . -24.08 -5.29 8.91
O1S EPE H . -23.49 -4.96 10.16
O2S EPE H . -25.37 -5.89 8.69
O3S EPE H . -23.42 -6.69 9.00
C1 MPD I . 8.78 20.99 -21.12
C2 MPD I . 10.08 20.30 -20.81
O2 MPD I . 10.62 20.95 -19.64
CM MPD I . 11.01 20.46 -22.02
C3 MPD I . 9.82 18.85 -20.44
C4 MPD I . 11.06 18.07 -19.92
O4 MPD I . 11.62 18.67 -18.73
C5 MPD I . 10.69 16.63 -19.63
S SO4 J . -12.47 7.25 -16.76
O1 SO4 J . -11.33 8.16 -17.06
O2 SO4 J . -13.47 7.82 -17.63
O3 SO4 J . -13.16 7.30 -15.44
O4 SO4 J . -11.90 5.79 -17.16
CA CA K . -11.38 -13.27 6.80
CA CA L . -5.47 -28.61 1.91
S SO4 M . -9.78 -17.71 22.26
O1 SO4 M . -9.78 -16.56 23.20
O2 SO4 M . -9.64 -17.20 20.84
O3 SO4 M . -11.02 -18.57 22.42
O4 SO4 M . -8.64 -18.58 22.56
S SO4 N . 4.27 -24.17 10.42
O1 SO4 N . 5.54 -24.71 11.06
O2 SO4 N . 4.23 -22.66 10.11
O3 SO4 N . 3.29 -24.44 11.50
O4 SO4 N . 3.78 -25.01 9.23
N1 EPE O . -15.26 -18.90 -8.51
C2 EPE O . -16.17 -18.17 -9.44
C3 EPE O . -16.25 -18.91 -10.79
N4 EPE O . -16.74 -20.23 -10.42
C5 EPE O . -15.84 -21.14 -9.69
C6 EPE O . -15.22 -20.38 -8.46
C7 EPE O . -18.03 -20.76 -10.94
C8 EPE O . -17.90 -21.54 -12.27
O8 EPE O . -16.82 -21.07 -13.11
C9 EPE O . -14.59 -18.08 -7.48
C10 EPE O . -14.13 -18.88 -6.25
S EPE O . -12.99 -17.95 -5.27
O1S EPE O . -11.76 -17.66 -6.05
O2S EPE O . -12.70 -18.89 -4.16
O3S EPE O . -13.75 -16.71 -4.81
S SO4 P . 1.61 9.78 9.21
O1 SO4 P . 2.67 10.33 10.17
O2 SO4 P . 0.19 10.17 9.66
O3 SO4 P . 1.76 8.29 9.34
O4 SO4 P . 1.65 10.22 7.75
S SO4 Q . 15.88 -9.17 -4.10
O1 SO4 Q . 16.97 -9.30 -3.02
O2 SO4 Q . 15.66 -7.81 -4.68
O3 SO4 Q . 14.72 -9.87 -3.46
O4 SO4 Q . 16.29 -10.00 -5.29
S SO4 R . 12.13 -14.88 7.03
O1 SO4 R . 12.91 -15.36 8.31
O2 SO4 R . 12.27 -13.36 7.05
O3 SO4 R . 10.73 -15.19 7.13
O4 SO4 R . 12.51 -15.37 5.50
S SO4 S . 14.58 7.45 -10.36
O1 SO4 S . 14.88 8.86 -9.80
O2 SO4 S . 14.03 7.73 -11.75
O3 SO4 S . 13.60 6.61 -9.53
O4 SO4 S . 15.84 6.64 -10.34
S SO4 T . -9.40 -2.18 20.75
O1 SO4 T . -10.27 -1.57 21.81
O2 SO4 T . -8.75 -1.01 20.07
O3 SO4 T . -10.27 -2.94 19.67
O4 SO4 T . -8.47 -2.98 21.40
N1 EPE U . -0.79 -4.97 -5.40
N1 EPE U . -0.63 -5.15 -5.42
C2 EPE U . -1.08 -6.35 -5.12
C2 EPE U . -0.25 -6.50 -5.04
C3 EPE U . -2.20 -6.77 -6.14
C3 EPE U . -1.24 -7.48 -5.70
N4 EPE U . -1.57 -6.69 -7.48
N4 EPE U . -1.03 -7.32 -7.12
C5 EPE U . -0.76 -5.54 -7.83
C5 EPE U . -0.48 -6.05 -7.62
C6 EPE U . -1.00 -4.50 -6.76
C6 EPE U . -1.04 -4.90 -6.80
C7 EPE U . -1.76 -7.78 -8.47
C7 EPE U . -1.75 -8.23 -8.05
C8 EPE U . -0.41 -8.50 -8.52
C8 EPE U . -3.25 -8.13 -7.87
O8 EPE U . 0.33 -7.91 -9.62
O8 EPE U . -4.01 -9.06 -7.11
C9 EPE U . -0.61 -3.87 -4.45
C9 EPE U . -0.44 -4.07 -4.45
C10 EPE U . 0.19 -4.20 -3.15
C10 EPE U . -1.68 -3.22 -4.37
S EPE U . 0.52 -2.80 -2.25
S EPE U . -1.70 -2.07 -3.10
O1S EPE U . 1.35 -3.28 -1.15
O1S EPE U . -2.70 -1.05 -3.38
O2S EPE U . -0.75 -2.27 -1.75
O2S EPE U . -0.36 -1.93 -2.43
O3S EPE U . 1.26 -1.85 -3.08
O3S EPE U . -2.49 -2.81 -2.01
C1 MPD V . 20.36 0.29 -5.29
C2 MPD V . 20.72 0.73 -6.71
O2 MPD V . 19.75 1.40 -7.34
CM MPD V . 21.06 -0.52 -7.34
C3 MPD V . 21.89 1.73 -6.90
C4 MPD V . 21.59 2.02 -8.35
O4 MPD V . 21.67 3.38 -8.96
C5 MPD V . 22.72 1.35 -9.16
C1 MPD W . 16.93 -14.28 18.48
C2 MPD W . 15.98 -15.47 18.36
O2 MPD W . 15.64 -15.86 19.73
CM MPD W . 16.59 -16.58 17.49
C3 MPD W . 14.72 -15.12 17.58
C4 MPD W . 15.22 -14.56 16.18
O4 MPD W . 16.01 -15.35 15.20
C5 MPD W . 13.99 -13.94 15.43
C1 MPD X . -7.79 -7.89 -0.13
C2 MPD X . -7.02 -7.42 1.02
O2 MPD X . -7.92 -7.04 2.06
CM MPD X . -6.20 -6.19 0.57
C3 MPD X . -6.04 -8.51 1.40
C4 MPD X . -5.12 -8.24 2.61
O4 MPD X . -5.94 -8.23 3.77
C5 MPD X . -4.05 -9.38 2.68
CA CA Y . 9.93 5.00 -15.73
CA CA Z . 0.77 0.47 -29.45
S SO4 AA . -3.84 8.05 -32.11
O1 SO4 AA . -2.48 7.82 -31.51
O2 SO4 AA . -3.98 9.37 -32.62
O3 SO4 AA . -4.89 7.73 -31.14
O4 SO4 AA . -3.97 7.16 -33.24
S SO4 BA . 8.66 -7.39 -19.70
O1 SO4 BA . 9.46 -7.03 -18.44
O2 SO4 BA . 8.56 -6.30 -20.69
O3 SO4 BA . 7.34 -8.07 -19.31
O4 SO4 BA . 9.46 -8.49 -20.46
C1 MPD CA . 5.65 -1.71 -9.75
C2 MPD CA . 5.45 -0.28 -9.32
O2 MPD CA . 6.69 0.44 -9.47
CM MPD CA . 5.17 -0.19 -7.81
C3 MPD CA . 4.31 0.31 -10.11
C4 MPD CA . 3.92 1.72 -9.75
O4 MPD CA . 5.02 2.69 -9.99
C5 MPD CA . 2.84 2.20 -10.68
C1 MPD DA . -6.47 9.61 -24.98
C2 MPD DA . -7.04 10.33 -23.79
O2 MPD DA . -7.30 11.68 -24.21
CM MPD DA . -6.13 10.43 -22.63
C3 MPD DA . -8.10 9.63 -22.94
C4 MPD DA . -8.14 10.05 -21.39
O4 MPD DA . -9.07 11.09 -21.01
C5 MPD DA . -8.41 8.74 -20.73
#